data_2I9I
#
_entry.id   2I9I
#
_cell.length_a   52.544
_cell.length_b   82.803
_cell.length_c   126.236
_cell.angle_alpha   90.00
_cell.angle_beta   90.00
_cell.angle_gamma   90.00
#
_symmetry.space_group_name_H-M   'C 2 2 21'
#
loop_
_entity.id
_entity.type
_entity.pdbx_description
1 polymer 'Hypothetical protein'
2 water water
#
_entity_poly.entity_id   1
_entity_poly.type   'polypeptide(L)'
_entity_poly.pdbx_seq_one_letter_code
;MSLETKTPNDAKNQVQTHERMKTSSEHVTPLDFNYPIHIVQAPQNHHVVGILTPRIQVSDNLKPYIDKFQDALINQIQTI
FEKRGYQVLRFQDEKALNAQDKRKIFSVLDLKGWVGILEDLKMNLKDPNNPNLDTLVDQSSGSVWFNFYEPESNRVVHDF
AVEVGTFQAMTYTYKHNNSGGLNSSNSIIHEYLEKNKEDAIHKILNRMYAVVMKKAVTELTKENIDKYREAIDRMKGFKS
SMPQKKEGHHHHHH
;
_entity_poly.pdbx_strand_id   A
#
# COMPACT_ATOMS: atom_id res chain seq x y z
N GLU A 19 -12.54 -5.54 5.18
CA GLU A 19 -13.58 -4.64 4.59
C GLU A 19 -14.17 -5.27 3.35
N ARG A 20 -15.49 -5.24 3.23
CA ARG A 20 -16.14 -5.78 2.04
C ARG A 20 -16.93 -4.68 1.36
N MET A 21 -16.72 -4.56 0.06
CA MET A 21 -17.20 -3.44 -0.74
C MET A 21 -18.01 -3.94 -1.94
N LYS A 22 -19.03 -3.18 -2.33
CA LYS A 22 -19.79 -3.43 -3.53
C LYS A 22 -19.00 -2.92 -4.72
N THR A 23 -19.35 -3.40 -5.91
CA THR A 23 -18.84 -2.83 -7.15
C THR A 23 -19.97 -2.36 -8.06
N SER A 24 -19.62 -1.65 -9.11
CA SER A 24 -20.57 -1.11 -10.09
C SER A 24 -20.34 -1.64 -11.52
N SER A 25 -21.42 -1.94 -12.25
CA SER A 25 -21.26 -2.16 -13.70
C SER A 25 -21.43 -0.85 -14.50
N GLU A 26 -21.75 0.24 -13.81
CA GLU A 26 -22.05 1.53 -14.49
C GLU A 26 -20.86 2.50 -14.49
N HIS A 27 -20.23 2.63 -13.33
CA HIS A 27 -19.18 3.62 -13.07
C HIS A 27 -17.93 2.94 -12.46
N VAL A 28 -16.80 3.04 -13.13
CA VAL A 28 -15.52 2.57 -12.55
C VAL A 28 -14.99 3.68 -11.62
N THR A 29 -14.79 3.35 -10.35
CA THR A 29 -14.27 4.28 -9.32
C THR A 29 -12.87 4.76 -9.78
N PRO A 30 -12.68 6.10 -9.92
CA PRO A 30 -11.35 6.55 -10.32
C PRO A 30 -10.27 6.16 -9.30
N LEU A 31 -9.06 5.91 -9.80
CA LEU A 31 -7.90 5.78 -8.89
C LEU A 31 -7.64 7.10 -8.18
N ASP A 32 -7.29 7.04 -6.91
CA ASP A 32 -7.08 8.22 -6.11
C ASP A 32 -5.92 7.95 -5.15
N PHE A 33 -4.70 7.96 -5.68
CA PHE A 33 -3.51 7.66 -4.85
C PHE A 33 -3.00 8.94 -4.17
N ASN A 34 -3.75 9.37 -3.17
CA ASN A 34 -3.44 10.55 -2.40
C ASN A 34 -4.06 10.51 -1.01
N TYR A 35 -3.21 10.71 -0.02
CA TYR A 35 -3.59 10.66 1.37
C TYR A 35 -3.17 12.00 1.95
N PRO A 36 -4.12 12.88 2.28
CA PRO A 36 -3.77 14.20 2.82
C PRO A 36 -2.90 14.16 4.09
N ILE A 37 -1.77 14.86 4.06
CA ILE A 37 -0.83 14.95 5.20
C ILE A 37 -0.85 16.39 5.79
N HIS A 38 -0.93 16.50 7.10
CA HIS A 38 -1.06 17.78 7.80
C HIS A 38 0.07 17.91 8.82
N ILE A 39 1.22 18.40 8.37
CA ILE A 39 2.40 18.55 9.22
C ILE A 39 2.89 19.98 9.01
N VAL A 40 3.05 20.71 10.11
CA VAL A 40 3.59 22.08 10.05
C VAL A 40 5.08 22.05 9.64
N GLN A 41 5.43 22.82 8.62
CA GLN A 41 6.82 22.95 8.15
C GLN A 41 7.78 23.26 9.32
N ALA A 42 8.61 22.28 9.67
CA ALA A 42 9.63 22.48 10.69
C ALA A 42 10.85 23.21 10.09
N PRO A 43 11.71 23.79 10.96
CA PRO A 43 12.92 24.40 10.38
C PRO A 43 13.92 23.37 9.81
N GLN A 44 14.72 23.79 8.84
CA GLN A 44 15.75 22.94 8.27
C GLN A 44 16.70 22.39 9.32
N ASN A 45 16.85 21.07 9.39
CA ASN A 45 17.80 20.48 10.33
C ASN A 45 19.16 20.10 9.72
N HIS A 46 19.31 20.34 8.42
CA HIS A 46 20.55 20.08 7.66
C HIS A 46 21.00 18.59 7.57
N HIS A 47 20.13 17.67 7.99
CA HIS A 47 20.34 16.23 7.78
C HIS A 47 19.76 15.82 6.42
N VAL A 48 20.38 14.84 5.79
CA VAL A 48 19.85 14.37 4.53
C VAL A 48 19.51 12.89 4.65
N VAL A 49 18.30 12.54 4.23
CA VAL A 49 17.92 11.11 4.24
C VAL A 49 17.82 10.58 2.78
N GLY A 50 17.92 9.26 2.60
CA GLY A 50 17.82 8.67 1.27
C GLY A 50 16.57 7.82 1.30
N ILE A 51 15.95 7.68 0.14
CA ILE A 51 14.80 6.79 -0.03
C ILE A 51 15.14 5.91 -1.24
N LEU A 52 15.09 4.60 -1.08
CA LEU A 52 15.39 3.68 -2.19
C LEU A 52 14.09 3.48 -2.98
N THR A 53 14.24 3.20 -4.26
CA THR A 53 13.07 2.84 -5.09
C THR A 53 12.41 1.63 -4.41
N PRO A 54 11.11 1.70 -4.13
CA PRO A 54 10.49 0.53 -3.49
C PRO A 54 10.53 -0.70 -4.40
N ARG A 55 10.54 -1.87 -3.76
CA ARG A 55 10.47 -3.14 -4.45
C ARG A 55 9.21 -3.92 -3.99
N ILE A 56 8.07 -3.50 -4.53
CA ILE A 56 6.79 -4.17 -4.29
C ILE A 56 6.48 -5.12 -5.49
N GLN A 57 6.51 -6.42 -5.21
CA GLN A 57 6.19 -7.43 -6.19
C GLN A 57 4.70 -7.57 -6.18
N VAL A 58 4.12 -7.65 -7.37
CA VAL A 58 2.65 -7.66 -7.42
C VAL A 58 2.13 -8.77 -8.33
N SER A 59 0.86 -9.12 -8.15
CA SER A 59 0.18 -10.02 -9.14
C SER A 59 0.02 -9.38 -10.51
N ASP A 60 -0.09 -10.20 -11.56
CA ASP A 60 -0.17 -9.71 -12.94
C ASP A 60 -1.27 -8.67 -13.18
N ASN A 61 -2.46 -8.85 -12.59
CA ASN A 61 -3.53 -7.85 -12.68
C ASN A 61 -3.14 -6.46 -12.11
N LEU A 62 -2.06 -6.38 -11.31
CA LEU A 62 -1.66 -5.09 -10.70
C LEU A 62 -0.50 -4.44 -11.42
N LYS A 63 0.09 -5.16 -12.37
CA LYS A 63 1.22 -4.61 -13.16
C LYS A 63 0.97 -3.29 -13.89
N PRO A 64 -0.25 -3.10 -14.47
CA PRO A 64 -0.59 -1.78 -15.07
C PRO A 64 -0.67 -0.60 -14.08
N TYR A 65 -0.75 -0.87 -12.78
CA TYR A 65 -1.03 0.12 -11.75
C TYR A 65 0.17 0.38 -10.82
N ILE A 66 1.06 -0.59 -10.71
CA ILE A 66 2.05 -0.52 -9.60
C ILE A 66 3.00 0.69 -9.68
N ASP A 67 3.40 1.05 -10.90
CA ASP A 67 4.24 2.27 -11.04
C ASP A 67 3.56 3.54 -10.54
N LYS A 68 2.30 3.76 -10.93
CA LYS A 68 1.50 4.88 -10.39
C LYS A 68 1.40 4.86 -8.85
N PHE A 69 1.14 3.66 -8.31
CA PHE A 69 1.04 3.44 -6.89
C PHE A 69 2.34 3.81 -6.16
N GLN A 70 3.44 3.20 -6.60
CA GLN A 70 4.76 3.38 -5.96
C GLN A 70 5.22 4.81 -6.05
N ASP A 71 5.04 5.42 -7.23
CA ASP A 71 5.47 6.81 -7.48
C ASP A 71 4.76 7.80 -6.53
N ALA A 72 3.45 7.65 -6.38
CA ALA A 72 2.66 8.41 -5.40
C ALA A 72 3.12 8.24 -3.96
N LEU A 73 3.25 6.98 -3.50
CA LEU A 73 3.76 6.68 -2.19
C LEU A 73 5.09 7.36 -1.90
N ILE A 74 6.06 7.22 -2.80
CA ILE A 74 7.40 7.77 -2.61
C ILE A 74 7.35 9.29 -2.56
N ASN A 75 6.56 9.88 -3.46
CA ASN A 75 6.37 11.34 -3.47
C ASN A 75 5.78 11.82 -2.13
N GLN A 76 4.77 11.13 -1.63
CA GLN A 76 4.18 11.56 -0.35
C GLN A 76 5.12 11.34 0.85
N ILE A 77 5.81 10.19 0.90
CA ILE A 77 6.77 9.91 1.99
C ILE A 77 7.89 10.99 1.99
N GLN A 78 8.40 11.31 0.78
CA GLN A 78 9.38 12.40 0.62
C GLN A 78 8.87 13.69 1.29
N THR A 79 7.60 14.02 1.07
CA THR A 79 7.03 15.25 1.68
C THR A 79 6.93 15.18 3.22
N ILE A 80 6.76 13.99 3.80
CA ILE A 80 6.74 13.84 5.24
C ILE A 80 8.13 14.27 5.78
N PHE A 81 9.19 13.75 5.18
CA PHE A 81 10.54 14.02 5.69
C PHE A 81 10.85 15.50 5.52
N GLU A 82 10.47 16.07 4.37
CA GLU A 82 10.71 17.48 4.05
C GLU A 82 9.98 18.42 5.01
N LYS A 83 8.68 18.17 5.25
CA LYS A 83 7.93 18.87 6.29
C LYS A 83 8.54 18.76 7.68
N ARG A 84 9.20 17.63 7.97
CA ARG A 84 9.83 17.50 9.27
C ARG A 84 11.25 18.09 9.29
N GLY A 85 11.69 18.66 8.17
CA GLY A 85 12.94 19.46 8.10
C GLY A 85 14.18 18.82 7.51
N TYR A 86 14.05 17.59 6.98
CA TYR A 86 15.12 16.84 6.31
C TYR A 86 15.20 17.15 4.85
N GLN A 87 16.40 17.06 4.31
CA GLN A 87 16.51 17.00 2.87
C GLN A 87 16.40 15.55 2.44
N VAL A 88 15.92 15.31 1.23
CA VAL A 88 15.67 13.94 0.77
C VAL A 88 16.31 13.70 -0.58
N LEU A 89 17.03 12.60 -0.67
CA LEU A 89 17.60 12.14 -1.94
C LEU A 89 17.06 10.77 -2.29
N ARG A 90 16.88 10.50 -3.57
CA ARG A 90 16.45 9.20 -4.01
C ARG A 90 17.59 8.39 -4.61
N PHE A 91 17.57 7.08 -4.33
CA PHE A 91 18.56 6.14 -4.84
C PHE A 91 17.89 4.91 -5.41
N GLN A 92 18.49 4.35 -6.47
CA GLN A 92 17.98 3.15 -7.13
C GLN A 92 17.89 1.98 -6.18
N ASP A 93 18.95 1.75 -5.41
CA ASP A 93 19.08 0.61 -4.50
C ASP A 93 20.23 0.86 -3.54
N GLU A 94 20.43 -0.06 -2.60
CA GLU A 94 21.49 0.03 -1.61
C GLU A 94 22.86 0.23 -2.27
N LYS A 95 23.09 -0.47 -3.38
CA LYS A 95 24.39 -0.43 -4.08
C LYS A 95 24.67 0.89 -4.79
N ALA A 96 23.61 1.67 -5.09
CA ALA A 96 23.73 3.00 -5.69
C ALA A 96 24.33 4.01 -4.72
N LEU A 97 24.33 3.70 -3.42
CA LEU A 97 25.02 4.56 -2.44
C LEU A 97 26.51 4.24 -2.45
N ASN A 98 27.31 5.17 -2.97
CA ASN A 98 28.76 5.00 -2.93
C ASN A 98 29.27 5.24 -1.49
N ALA A 99 30.53 4.93 -1.24
CA ALA A 99 31.14 5.08 0.09
C ALA A 99 30.99 6.47 0.71
N GLN A 100 31.18 7.52 -0.07
CA GLN A 100 30.95 8.87 0.43
C GLN A 100 29.48 9.19 0.73
N ASP A 101 28.55 8.70 -0.10
CA ASP A 101 27.10 8.85 0.17
C ASP A 101 26.72 8.25 1.53
N LYS A 102 27.24 7.05 1.81
CA LYS A 102 26.91 6.34 3.03
C LYS A 102 27.43 7.11 4.26
N ARG A 103 28.55 7.78 4.14
CA ARG A 103 29.14 8.55 5.23
C ARG A 103 28.32 9.79 5.53
N LYS A 104 27.75 10.36 4.49
CA LYS A 104 27.03 11.62 4.55
C LYS A 104 25.55 11.51 4.93
N ILE A 105 24.87 10.52 4.36
CA ILE A 105 23.45 10.32 4.57
C ILE A 105 23.16 9.94 6.04
N PHE A 106 22.15 10.56 6.65
CA PHE A 106 21.75 10.29 8.02
C PHE A 106 21.22 8.85 8.21
N SER A 107 20.34 8.45 7.30
CA SER A 107 19.70 7.11 7.30
C SER A 107 18.89 7.00 6.02
N VAL A 108 18.47 5.76 5.70
CA VAL A 108 17.87 5.45 4.43
C VAL A 108 16.58 4.67 4.69
N LEU A 109 15.54 4.98 3.93
CA LEU A 109 14.25 4.25 4.07
C LEU A 109 14.13 3.28 2.88
N ASP A 110 13.86 2.01 3.18
CA ASP A 110 13.74 0.92 2.23
C ASP A 110 12.28 0.41 2.38
N LEU A 111 11.61 0.13 1.27
CA LEU A 111 10.21 -0.40 1.33
C LEU A 111 10.19 -1.64 0.46
N LYS A 112 9.70 -2.76 1.02
CA LYS A 112 9.58 -4.02 0.24
C LYS A 112 8.17 -4.54 0.45
N GLY A 113 7.66 -5.25 -0.53
CA GLY A 113 6.25 -5.72 -0.35
C GLY A 113 5.87 -6.85 -1.29
N TRP A 114 4.79 -7.54 -0.92
CA TRP A 114 4.32 -8.67 -1.71
C TRP A 114 2.82 -8.41 -1.68
N VAL A 115 2.25 -8.01 -2.82
CA VAL A 115 0.91 -7.39 -2.82
C VAL A 115 0.11 -7.92 -3.99
N GLY A 116 -1.02 -8.56 -3.74
CA GLY A 116 -1.69 -9.22 -4.84
C GLY A 116 -3.19 -9.10 -4.69
N ILE A 117 -3.90 -9.34 -5.78
CA ILE A 117 -5.38 -9.40 -5.73
C ILE A 117 -5.75 -10.70 -6.44
N LEU A 118 -6.47 -11.57 -5.72
CA LEU A 118 -6.87 -12.87 -6.22
C LEU A 118 -8.29 -12.62 -6.77
N GLU A 119 -8.55 -13.14 -7.95
CA GLU A 119 -9.78 -12.83 -8.69
C GLU A 119 -10.74 -14.02 -8.67
N ASP A 120 -12.03 -13.71 -8.77
CA ASP A 120 -13.07 -14.74 -9.04
C ASP A 120 -13.14 -15.81 -7.96
N LEU A 121 -13.05 -15.40 -6.69
CA LEU A 121 -13.25 -16.33 -5.60
C LEU A 121 -14.77 -16.38 -5.33
N LYS A 122 -15.30 -17.57 -5.11
CA LYS A 122 -16.72 -17.72 -4.73
C LYS A 122 -16.79 -17.96 -3.23
N MET A 123 -17.64 -17.16 -2.56
CA MET A 123 -17.86 -17.22 -1.12
C MET A 123 -19.34 -17.15 -0.78
N ASN A 124 -19.75 -17.83 0.29
CA ASN A 124 -21.08 -17.56 0.88
C ASN A 124 -20.99 -16.27 1.66
N LEU A 125 -22.03 -15.46 1.56
CA LEU A 125 -22.01 -14.15 2.17
C LEU A 125 -22.03 -14.14 3.71
N LYS A 126 -22.36 -15.29 4.31
CA LYS A 126 -22.39 -15.45 5.75
C LYS A 126 -23.50 -14.61 6.42
N ASP A 127 -24.55 -14.26 5.66
CA ASP A 127 -25.71 -13.55 6.22
C ASP A 127 -26.67 -14.62 6.75
N PRO A 128 -26.91 -14.63 8.09
CA PRO A 128 -27.75 -15.74 8.57
C PRO A 128 -29.20 -15.50 8.15
N ASN A 129 -29.54 -14.23 7.94
CA ASN A 129 -30.86 -13.86 7.50
C ASN A 129 -31.06 -14.09 6.01
N ASN A 130 -29.95 -14.29 5.27
CA ASN A 130 -30.02 -14.52 3.82
C ASN A 130 -29.05 -15.65 3.43
N PRO A 131 -29.40 -16.90 3.77
CA PRO A 131 -28.43 -17.96 3.59
C PRO A 131 -28.22 -18.37 2.12
N ASN A 132 -29.11 -17.93 1.21
CA ASN A 132 -28.99 -18.26 -0.24
C ASN A 132 -28.17 -17.29 -1.07
N LEU A 133 -27.55 -16.34 -0.41
CA LEU A 133 -26.74 -15.33 -1.09
CA LEU A 133 -26.75 -15.34 -1.08
C LEU A 133 -25.27 -15.73 -1.08
N ASP A 134 -24.73 -15.93 -2.28
CA ASP A 134 -23.32 -16.19 -2.51
C ASP A 134 -22.75 -15.01 -3.32
N THR A 135 -21.43 -14.96 -3.41
CA THR A 135 -20.82 -13.88 -4.14
C THR A 135 -19.52 -14.32 -4.81
N LEU A 136 -19.28 -13.69 -5.95
CA LEU A 136 -17.99 -13.73 -6.61
C LEU A 136 -17.22 -12.50 -6.09
N VAL A 137 -15.98 -12.71 -5.62
CA VAL A 137 -15.18 -11.60 -5.08
C VAL A 137 -13.75 -11.54 -5.64
N ASP A 138 -13.19 -10.31 -5.66
CA ASP A 138 -11.71 -10.14 -5.70
C ASP A 138 -11.24 -9.86 -4.25
N GLN A 139 -10.09 -10.44 -3.88
CA GLN A 139 -9.65 -10.47 -2.48
C GLN A 139 -8.19 -10.03 -2.48
N SER A 140 -7.83 -9.02 -1.68
CA SER A 140 -6.40 -8.61 -1.61
C SER A 140 -5.60 -9.59 -0.75
N SER A 141 -4.29 -9.56 -0.89
CA SER A 141 -3.46 -10.52 -0.12
C SER A 141 -2.07 -9.89 -0.01
N GLY A 142 -1.40 -10.09 1.14
CA GLY A 142 0.01 -9.67 1.28
C GLY A 142 0.27 -8.54 2.26
N SER A 143 1.44 -7.91 2.09
CA SER A 143 1.90 -6.96 3.12
C SER A 143 3.11 -6.16 2.62
N VAL A 144 3.37 -5.03 3.27
CA VAL A 144 4.50 -4.16 2.89
CA VAL A 144 4.41 -4.05 2.90
C VAL A 144 5.28 -3.80 4.15
N TRP A 145 6.60 -3.71 4.00
CA TRP A 145 7.55 -3.72 5.13
C TRP A 145 8.49 -2.51 4.91
N PHE A 146 8.57 -1.66 5.93
CA PHE A 146 9.42 -0.48 5.89
C PHE A 146 10.56 -0.67 6.89
N ASN A 147 11.78 -0.29 6.48
CA ASN A 147 12.78 -0.03 7.52
C ASN A 147 13.62 1.21 7.23
N PHE A 148 14.02 1.91 8.29
CA PHE A 148 14.76 3.15 8.19
C PHE A 148 16.08 2.80 8.94
N TYR A 149 17.18 2.81 8.22
CA TYR A 149 18.46 2.25 8.73
C TYR A 149 19.62 3.15 8.35
N GLU A 150 20.65 3.09 9.19
CA GLU A 150 21.86 3.89 8.98
C GLU A 150 22.79 3.00 8.13
N PRO A 151 23.15 3.45 6.89
CA PRO A 151 23.81 2.54 5.93
C PRO A 151 25.25 2.09 6.29
N GLU A 152 25.99 2.89 7.03
CA GLU A 152 27.36 2.45 7.41
C GLU A 152 27.37 1.30 8.42
N SER A 153 26.52 1.43 9.44
CA SER A 153 26.47 0.54 10.61
C SER A 153 25.35 -0.52 10.55
N ASN A 154 24.35 -0.32 9.69
CA ASN A 154 23.13 -1.15 9.66
C ASN A 154 22.30 -1.04 10.91
N ARG A 155 22.53 0.00 11.69
CA ARG A 155 21.62 0.31 12.81
C ARG A 155 20.18 0.51 12.27
N VAL A 156 19.25 -0.33 12.70
CA VAL A 156 17.83 -0.07 12.42
C VAL A 156 17.28 1.05 13.31
N VAL A 157 17.03 2.21 12.71
CA VAL A 157 16.47 3.34 13.45
C VAL A 157 15.00 3.06 13.74
N HIS A 158 14.24 2.66 12.71
CA HIS A 158 12.81 2.38 12.91
C HIS A 158 12.37 1.38 11.82
N ASP A 159 11.48 0.46 12.16
CA ASP A 159 10.96 -0.51 11.16
C ASP A 159 9.49 -0.67 11.51
N PHE A 160 8.68 -0.92 10.50
CA PHE A 160 7.24 -1.14 10.72
C PHE A 160 6.67 -1.79 9.47
N ALA A 161 5.45 -2.28 9.56
CA ALA A 161 4.87 -3.02 8.45
C ALA A 161 3.38 -2.79 8.42
N VAL A 162 2.78 -3.11 7.29
CA VAL A 162 1.34 -3.03 7.18
C VAL A 162 0.76 -4.19 6.41
N GLU A 163 -0.27 -4.81 6.97
CA GLU A 163 -0.98 -5.88 6.26
C GLU A 163 -1.97 -5.22 5.29
N VAL A 164 -2.00 -5.68 4.05
CA VAL A 164 -2.92 -5.19 3.02
C VAL A 164 -3.88 -6.26 2.46
N GLY A 165 -3.85 -7.46 3.05
CA GLY A 165 -4.73 -8.58 2.59
C GLY A 165 -6.14 -8.63 3.20
N THR A 166 -6.70 -7.47 3.51
CA THR A 166 -7.92 -7.33 4.31
C THR A 166 -9.09 -6.68 3.56
N PHE A 167 -8.99 -6.65 2.23
CA PHE A 167 -10.01 -5.96 1.41
C PHE A 167 -10.61 -6.94 0.42
N GLN A 168 -11.93 -6.89 0.29
CA GLN A 168 -12.68 -7.80 -0.55
C GLN A 168 -13.68 -6.89 -1.33
N ALA A 169 -13.76 -7.04 -2.63
CA ALA A 169 -14.72 -6.34 -3.48
C ALA A 169 -15.59 -7.42 -4.12
N MET A 170 -16.90 -7.32 -3.91
CA MET A 170 -17.89 -8.20 -4.54
C MET A 170 -18.14 -7.83 -6.00
N THR A 171 -17.68 -8.68 -6.90
CA THR A 171 -17.86 -8.46 -8.30
C THR A 171 -19.24 -8.88 -8.84
N TYR A 172 -19.83 -9.89 -8.24
CA TYR A 172 -21.14 -10.38 -8.69
C TYR A 172 -21.77 -11.11 -7.50
N THR A 173 -22.94 -10.66 -7.04
CA THR A 173 -23.65 -11.34 -5.95
C THR A 173 -24.83 -12.10 -6.54
N TYR A 174 -25.07 -13.31 -6.08
CA TYR A 174 -26.16 -14.12 -6.61
C TYR A 174 -26.99 -14.82 -5.53
N LYS A 175 -28.23 -15.13 -5.86
CA LYS A 175 -29.15 -15.66 -4.90
C LYS A 175 -29.80 -16.89 -5.48
N HIS A 176 -29.62 -18.02 -4.80
CA HIS A 176 -30.22 -19.28 -5.18
C HIS A 176 -31.73 -19.25 -4.89
N ASN A 177 -32.48 -20.00 -5.69
CA ASN A 177 -33.93 -20.19 -5.47
C ASN A 177 -34.04 -21.00 -4.20
N ASN A 178 -35.15 -20.82 -3.46
CA ASN A 178 -35.44 -21.63 -2.28
C ASN A 178 -35.34 -23.11 -2.57
N SER A 179 -35.73 -23.54 -3.77
CA SER A 179 -35.65 -24.98 -4.11
C SER A 179 -34.28 -25.48 -4.62
N GLY A 180 -33.29 -24.59 -4.73
CA GLY A 180 -31.99 -24.95 -5.32
C GLY A 180 -32.06 -24.90 -6.84
N GLY A 181 -31.25 -25.71 -7.52
CA GLY A 181 -31.27 -25.71 -8.97
C GLY A 181 -30.71 -24.40 -9.56
N LEU A 182 -30.95 -24.21 -10.85
CA LEU A 182 -30.45 -23.07 -11.62
C LEU A 182 -31.51 -22.00 -11.74
N ASN A 183 -31.07 -20.75 -11.81
CA ASN A 183 -31.97 -19.64 -12.01
C ASN A 183 -31.18 -18.52 -12.69
N SER A 184 -31.82 -17.39 -12.99
CA SER A 184 -31.09 -16.35 -13.73
CA SER A 184 -31.11 -16.34 -13.71
C SER A 184 -29.90 -15.78 -12.94
N SER A 185 -30.08 -15.60 -11.64
CA SER A 185 -29.05 -15.02 -10.78
C SER A 185 -27.78 -15.87 -10.70
N ASN A 186 -27.93 -17.18 -10.47
CA ASN A 186 -26.74 -17.98 -10.23
C ASN A 186 -26.02 -18.48 -11.52
N SER A 187 -26.50 -18.06 -12.70
CA SER A 187 -25.74 -18.19 -13.94
CA SER A 187 -25.76 -18.18 -13.95
C SER A 187 -24.67 -17.08 -13.95
N ILE A 188 -23.41 -17.45 -13.77
CA ILE A 188 -22.32 -16.46 -13.72
C ILE A 188 -21.69 -16.30 -15.10
N ILE A 189 -21.89 -15.13 -15.70
CA ILE A 189 -21.41 -14.91 -17.06
C ILE A 189 -20.34 -13.79 -17.00
N HIS A 190 -19.10 -14.21 -16.98
CA HIS A 190 -17.96 -13.28 -16.89
C HIS A 190 -17.91 -12.23 -18.02
N GLU A 191 -18.43 -12.59 -19.20
CA GLU A 191 -18.53 -11.70 -20.33
C GLU A 191 -19.34 -10.44 -20.06
N TYR A 192 -20.10 -10.41 -18.95
CA TYR A 192 -20.84 -9.21 -18.56
C TYR A 192 -20.24 -8.45 -17.37
N LEU A 193 -19.14 -8.96 -16.84
CA LEU A 193 -18.56 -8.44 -15.60
C LEU A 193 -17.27 -7.57 -15.75
N GLU A 194 -16.83 -7.29 -16.98
CA GLU A 194 -15.59 -6.47 -17.16
C GLU A 194 -15.52 -5.18 -16.30
N LYS A 195 -16.60 -4.39 -16.27
CA LYS A 195 -16.60 -3.14 -15.46
C LYS A 195 -16.58 -3.38 -13.94
N ASN A 196 -17.37 -4.34 -13.47
CA ASN A 196 -17.33 -4.73 -12.05
C ASN A 196 -15.92 -5.09 -11.61
N LYS A 197 -15.19 -5.82 -12.47
CA LYS A 197 -13.87 -6.32 -12.17
C LYS A 197 -12.81 -5.20 -12.22
N GLU A 198 -12.97 -4.25 -13.13
CA GLU A 198 -12.11 -3.08 -13.12
C GLU A 198 -12.35 -2.22 -11.90
N ASP A 199 -13.64 -1.98 -11.59
CA ASP A 199 -14.07 -1.33 -10.34
C ASP A 199 -13.50 -1.96 -9.06
N ALA A 200 -13.57 -3.30 -8.96
CA ALA A 200 -12.98 -4.03 -7.86
C ALA A 200 -11.49 -3.69 -7.69
N ILE A 201 -10.72 -3.75 -8.78
CA ILE A 201 -9.25 -3.54 -8.66
C ILE A 201 -9.00 -2.11 -8.19
N HIS A 202 -9.70 -1.15 -8.80
CA HIS A 202 -9.52 0.27 -8.45
C HIS A 202 -9.85 0.57 -6.99
N LYS A 203 -10.98 0.06 -6.49
CA LYS A 203 -11.40 0.26 -5.09
C LYS A 203 -10.43 -0.40 -4.09
N ILE A 204 -10.00 -1.62 -4.37
CA ILE A 204 -8.99 -2.27 -3.54
C ILE A 204 -7.69 -1.47 -3.53
N LEU A 205 -7.16 -1.15 -4.71
CA LEU A 205 -5.95 -0.26 -4.79
C LEU A 205 -6.07 1.03 -3.94
N ASN A 206 -7.26 1.68 -3.95
CA ASN A 206 -7.47 2.94 -3.22
C ASN A 206 -7.42 2.73 -1.71
N ARG A 207 -8.00 1.61 -1.27
CA ARG A 207 -7.98 1.21 0.12
C ARG A 207 -6.56 0.87 0.55
N MET A 208 -5.82 0.14 -0.29
CA MET A 208 -4.48 -0.35 0.06
C MET A 208 -3.55 0.87 0.15
N TYR A 209 -3.73 1.83 -0.76
CA TYR A 209 -2.94 3.08 -0.71
C TYR A 209 -3.16 3.84 0.62
N ALA A 210 -4.41 4.05 0.98
CA ALA A 210 -4.80 4.76 2.20
C ALA A 210 -4.26 4.09 3.45
N VAL A 211 -4.31 2.75 3.53
CA VAL A 211 -3.84 2.11 4.76
CA VAL A 211 -3.84 2.04 4.73
C VAL A 211 -2.31 2.13 4.84
N VAL A 212 -1.62 2.07 3.70
CA VAL A 212 -0.13 2.13 3.69
C VAL A 212 0.30 3.55 4.11
N MET A 213 -0.37 4.55 3.54
CA MET A 213 0.00 5.93 3.83
C MET A 213 -0.34 6.31 5.25
N LYS A 214 -1.50 5.85 5.78
CA LYS A 214 -1.85 6.09 7.18
C LYS A 214 -0.77 5.54 8.12
N LYS A 215 -0.35 4.30 7.85
CA LYS A 215 0.77 3.71 8.55
C LYS A 215 2.04 4.60 8.50
N ALA A 216 2.44 5.01 7.30
CA ALA A 216 3.65 5.80 7.12
C ALA A 216 3.58 7.09 7.97
N VAL A 217 2.46 7.81 7.88
CA VAL A 217 2.23 9.04 8.65
C VAL A 217 2.30 8.80 10.15
N THR A 218 1.69 7.69 10.60
CA THR A 218 1.68 7.34 12.02
C THR A 218 3.09 7.02 12.54
N GLU A 219 3.93 6.37 11.72
CA GLU A 219 5.25 5.90 12.19
C GLU A 219 6.44 6.83 11.91
N LEU A 220 6.32 7.69 10.92
CA LEU A 220 7.44 8.54 10.50
C LEU A 220 7.37 9.88 11.20
N THR A 221 7.47 9.76 12.52
CA THR A 221 7.38 10.91 13.39
C THR A 221 8.78 11.45 13.67
N LYS A 222 8.84 12.72 14.09
CA LYS A 222 10.11 13.28 14.61
C LYS A 222 10.83 12.34 15.62
N GLU A 223 10.11 11.83 16.63
CA GLU A 223 10.73 10.95 17.64
C GLU A 223 11.35 9.63 17.11
N ASN A 224 10.68 9.00 16.14
CA ASN A 224 11.18 7.74 15.54
C ASN A 224 12.30 8.01 14.53
N ILE A 225 12.19 9.09 13.77
CA ILE A 225 13.23 9.43 12.79
C ILE A 225 14.54 9.77 13.51
N ASP A 226 14.41 10.42 14.66
CA ASP A 226 15.56 10.93 15.42
C ASP A 226 16.04 9.99 16.55
N LYS A 227 15.52 8.76 16.55
CA LYS A 227 15.74 7.81 17.59
C LYS A 227 17.21 7.67 18.00
N TYR A 228 18.13 7.60 17.04
CA TYR A 228 19.56 7.49 17.31
C TYR A 228 20.36 8.71 16.83
N ARG A 229 19.76 9.89 16.84
CA ARG A 229 20.40 11.09 16.24
C ARG A 229 21.81 11.38 16.79
N GLU A 230 21.94 11.38 18.12
CA GLU A 230 23.23 11.74 18.75
C GLU A 230 24.36 10.79 18.36
N ALA A 231 24.09 9.48 18.41
CA ALA A 231 25.08 8.46 18.15
C ALA A 231 25.43 8.50 16.68
N ILE A 232 24.42 8.70 15.81
CA ILE A 232 24.68 8.72 14.38
C ILE A 232 25.53 9.96 13.99
N ASP A 233 25.14 11.11 14.51
CA ASP A 233 25.87 12.35 14.28
C ASP A 233 27.31 12.33 14.81
N ARG A 234 27.51 11.72 15.99
CA ARG A 234 28.87 11.47 16.56
C ARG A 234 29.74 10.61 15.64
N MET A 235 29.19 9.47 15.17
CA MET A 235 29.90 8.56 14.27
C MET A 235 30.29 9.22 12.94
N LYS A 236 29.37 10.02 12.41
CA LYS A 236 29.55 10.66 11.10
C LYS A 236 30.36 12.00 11.15
N GLY A 237 30.60 12.52 12.33
CA GLY A 237 31.28 13.82 12.46
C GLY A 237 30.41 15.00 12.06
N PHE A 238 29.08 14.85 12.20
CA PHE A 238 28.13 15.94 12.00
C PHE A 238 28.18 16.83 13.23
N LYS A 239 28.84 17.99 13.14
CA LYS A 239 29.00 18.83 14.36
C LYS A 239 27.98 19.96 14.51
#